data_7S46
#
_entry.id   7S46
#
_cell.length_a   61.821
_cell.length_b   61.821
_cell.length_c   178.829
_cell.angle_alpha   90.000
_cell.angle_beta   90.000
_cell.angle_gamma   90.000
#
_symmetry.space_group_name_H-M   'P 41 21 2'
#
loop_
_entity.id
_entity.type
_entity.pdbx_description
1 polymer 'Isoform 2 of Serine/threonine-protein kinase PAK 4'
2 polymer 'Integrin beta-5'
3 non-polymer 'PHOSPHOAMINOPHOSPHONIC ACID-ADENYLATE ESTER'
4 water water
#
loop_
_entity_poly.entity_id
_entity_poly.type
_entity_poly.pdbx_seq_one_letter_code
_entity_poly.pdbx_strand_id
1 'polypeptide(L)'
;MGSSHHHHHHSSGLVPRGSHMENLYFQGARARQENGMPEKPPGPRSPQREPQRVSHEQFRAALQLVVDPGDPRSYLDNFI
KIGEGSTGIVCIATVRSSGKLVAVKKMDLRKQQRRELLFNEVVIMRDYQHENVVEMYNSYLVGDELWVVMEFLEGGALTD
IVTHTRMNEEQIAAVCLAVLQALSVLHAQGVIHRNIKSDSILLTHDGRVKLSDFGFCAQVSKEVPRRKELVGTPYWMAPE
LISRLPYGPEVDIWSLGIMVIEMVDGEPPYFNEPPLKAMKMIRDNLPPRLKNLHKVSPSLKGFLDRLLVRDPAQRATAAE
LLKHPFLAKAGPPASIVPLMRQNRTR
;
A
2 'polypeptide(L)' ERSRARYEMAS B
#
# COMPACT_ATOMS: atom_id res chain seq x y z
N SER A 55 -18.49 -8.07 -23.35
CA SER A 55 -17.45 -7.15 -22.79
C SER A 55 -16.70 -7.75 -21.59
N HIS A 56 -17.43 -8.49 -20.75
CA HIS A 56 -16.79 -9.23 -19.65
C HIS A 56 -15.99 -10.40 -20.23
N GLU A 57 -16.68 -11.16 -21.08
CA GLU A 57 -16.07 -12.26 -21.83
C GLU A 57 -14.86 -11.78 -22.61
N GLN A 58 -14.95 -10.56 -23.13
CA GLN A 58 -13.87 -10.01 -23.89
C GLN A 58 -12.68 -9.78 -23.01
N PHE A 59 -12.94 -9.29 -21.81
CA PHE A 59 -11.88 -8.99 -20.87
C PHE A 59 -11.21 -10.27 -20.31
N ARG A 60 -12.00 -11.33 -20.06
CA ARG A 60 -11.46 -12.63 -19.66
C ARG A 60 -10.44 -13.15 -20.66
N ALA A 61 -10.84 -13.19 -21.92
CA ALA A 61 -9.98 -13.65 -23.03
C ALA A 61 -8.62 -12.89 -23.03
N ALA A 62 -8.71 -11.58 -22.84
CA ALA A 62 -7.53 -10.73 -22.83
C ALA A 62 -6.55 -11.07 -21.68
N LEU A 63 -7.11 -11.13 -20.48
CA LEU A 63 -6.34 -11.62 -19.30
C LEU A 63 -5.75 -12.95 -19.52
N GLN A 64 -6.47 -13.85 -20.14
CA GLN A 64 -5.95 -15.17 -20.40
C GLN A 64 -4.63 -15.16 -21.21
N LEU A 65 -4.48 -14.22 -22.14
CA LEU A 65 -3.27 -14.19 -22.90
C LEU A 65 -2.07 -13.77 -22.06
N VAL A 66 -2.24 -13.09 -20.95
CA VAL A 66 -1.09 -12.61 -20.17
C VAL A 66 -0.78 -13.35 -18.83
N VAL A 67 -1.68 -14.23 -18.36
CA VAL A 67 -1.49 -14.97 -17.11
C VAL A 67 -0.84 -16.31 -17.38
N ASP A 68 -0.42 -17.02 -16.33
CA ASP A 68 0.13 -18.36 -16.48
C ASP A 68 -1.03 -19.29 -16.80
N PRO A 69 -0.78 -20.36 -17.55
CA PRO A 69 -1.89 -21.28 -17.84
C PRO A 69 -2.19 -22.20 -16.69
N GLY A 70 -3.38 -22.80 -16.71
CA GLY A 70 -3.79 -23.73 -15.71
C GLY A 70 -4.43 -23.10 -14.50
N ASP A 71 -4.58 -23.91 -13.45
CA ASP A 71 -5.38 -23.62 -12.30
C ASP A 71 -4.57 -24.02 -11.05
N PRO A 72 -4.29 -23.09 -10.12
CA PRO A 72 -3.40 -23.48 -9.02
C PRO A 72 -4.09 -24.37 -7.99
N ARG A 73 -5.40 -24.57 -8.13
CA ARG A 73 -6.10 -25.52 -7.27
C ARG A 73 -5.48 -26.88 -7.36
N SER A 74 -4.83 -27.20 -8.47
CA SER A 74 -4.14 -28.47 -8.57
C SER A 74 -2.95 -28.64 -7.64
N TYR A 75 -2.35 -27.57 -7.09
CA TYR A 75 -1.22 -27.73 -6.15
C TYR A 75 -1.43 -27.10 -4.80
N LEU A 76 -2.59 -26.47 -4.60
CA LEU A 76 -2.93 -25.82 -3.37
C LEU A 76 -4.12 -26.46 -2.63
N ASP A 77 -4.04 -26.57 -1.29
CA ASP A 77 -5.13 -26.99 -0.37
C ASP A 77 -5.52 -25.94 0.65
N ASN A 78 -6.67 -26.15 1.28
CA ASN A 78 -7.09 -25.44 2.49
C ASN A 78 -7.02 -23.96 2.35
N PHE A 79 -7.75 -23.48 1.35
CA PHE A 79 -7.95 -22.05 1.16
C PHE A 79 -8.75 -21.50 2.33
N ILE A 80 -8.22 -20.51 3.03
CA ILE A 80 -8.91 -19.87 4.13
C ILE A 80 -8.86 -18.37 3.90
N LYS A 81 -10.02 -17.72 3.87
CA LYS A 81 -10.07 -16.28 3.68
C LYS A 81 -9.48 -15.60 4.89
N ILE A 82 -8.58 -14.66 4.65
CA ILE A 82 -8.01 -13.89 5.73
C ILE A 82 -8.30 -12.41 5.63
N GLY A 83 -8.91 -11.94 4.55
CA GLY A 83 -8.96 -10.51 4.32
C GLY A 83 -9.66 -10.09 3.06
N GLU A 84 -10.02 -8.82 3.01
CA GLU A 84 -10.68 -8.23 1.87
C GLU A 84 -10.03 -6.91 1.46
N GLY A 85 -10.40 -6.45 0.27
CA GLY A 85 -9.99 -5.16 -0.29
C GLY A 85 -11.18 -4.79 -1.14
N SER A 86 -11.15 -3.62 -1.74
CA SER A 86 -12.18 -3.27 -2.74
C SER A 86 -12.02 -4.12 -4.04
N THR A 87 -10.78 -4.55 -4.40
CA THR A 87 -10.58 -5.34 -5.63
C THR A 87 -10.78 -6.83 -5.42
N GLY A 88 -10.62 -7.33 -4.20
CA GLY A 88 -11.11 -8.68 -3.93
C GLY A 88 -10.64 -9.24 -2.61
N ILE A 89 -10.56 -10.56 -2.52
CA ILE A 89 -10.18 -11.19 -1.26
C ILE A 89 -8.79 -11.77 -1.25
N VAL A 90 -8.31 -12.03 -0.05
CA VAL A 90 -7.04 -12.65 0.17
C VAL A 90 -7.27 -13.88 1.03
N CYS A 91 -6.62 -14.97 0.62
CA CYS A 91 -6.74 -16.28 1.24
C CYS A 91 -5.36 -16.83 1.51
N ILE A 92 -5.20 -17.63 2.55
CA ILE A 92 -4.00 -18.43 2.59
C ILE A 92 -4.30 -19.81 2.04
N ALA A 93 -3.26 -20.48 1.60
CA ALA A 93 -3.37 -21.81 1.06
C ALA A 93 -2.11 -22.55 1.35
N THR A 94 -2.22 -23.86 1.34
CA THR A 94 -1.13 -24.76 1.63
C THR A 94 -0.69 -25.37 0.33
N VAL A 95 0.61 -25.40 0.10
CA VAL A 95 1.21 -26.07 -1.07
C VAL A 95 1.22 -27.53 -0.74
N ARG A 96 0.53 -28.34 -1.53
CA ARG A 96 0.34 -29.72 -1.17
C ARG A 96 1.65 -30.49 -1.06
N SER A 97 2.58 -30.24 -1.99
CA SER A 97 3.75 -31.12 -2.13
C SER A 97 4.67 -30.98 -0.93
N SER A 98 4.57 -29.84 -0.26
CA SER A 98 5.51 -29.39 0.75
C SER A 98 4.97 -28.88 2.09
N GLY A 99 3.69 -28.52 2.17
CA GLY A 99 3.17 -27.86 3.39
C GLY A 99 3.54 -26.40 3.59
N LYS A 100 4.19 -25.75 2.62
CA LYS A 100 4.44 -24.32 2.70
C LYS A 100 3.13 -23.55 2.50
N LEU A 101 3.12 -22.35 3.05
CA LEU A 101 1.98 -21.47 2.95
C LEU A 101 2.20 -20.41 1.91
N VAL A 102 1.18 -20.06 1.16
CA VAL A 102 1.22 -18.94 0.25
C VAL A 102 -0.06 -18.19 0.40
N ALA A 103 -0.06 -16.99 -0.14
CA ALA A 103 -1.27 -16.16 -0.17
C ALA A 103 -1.78 -16.14 -1.59
N VAL A 104 -3.09 -16.00 -1.73
CA VAL A 104 -3.71 -16.05 -3.03
C VAL A 104 -4.71 -14.90 -3.02
N LYS A 105 -4.50 -13.94 -3.87
CA LYS A 105 -5.44 -12.86 -4.04
C LYS A 105 -6.40 -13.22 -5.17
N LYS A 106 -7.69 -13.12 -4.91
CA LYS A 106 -8.72 -13.46 -5.88
C LYS A 106 -9.55 -12.20 -6.19
N MET A 107 -9.63 -11.83 -7.47
CA MET A 107 -10.29 -10.60 -7.89
C MET A 107 -11.29 -10.94 -9.00
N ASP A 108 -12.55 -10.69 -8.70
CA ASP A 108 -13.61 -10.98 -9.64
C ASP A 108 -13.62 -9.90 -10.71
N LEU A 109 -13.47 -10.29 -11.96
CA LEU A 109 -13.47 -9.31 -13.07
C LEU A 109 -14.72 -8.43 -13.22
N ARG A 110 -15.87 -8.96 -12.87
CA ARG A 110 -17.13 -8.20 -12.96
C ARG A 110 -17.36 -7.17 -11.84
N LYS A 111 -16.57 -7.21 -10.78
CA LYS A 111 -16.79 -6.38 -9.61
C LYS A 111 -15.78 -5.27 -9.44
N GLN A 112 -15.05 -4.90 -10.46
CA GLN A 112 -14.04 -3.85 -10.34
C GLN A 112 -14.64 -2.48 -10.68
N GLN A 113 -14.14 -1.43 -10.04
CA GLN A 113 -14.43 -0.07 -10.46
C GLN A 113 -13.95 0.06 -11.90
N ARG A 114 -12.70 -0.31 -12.15
CA ARG A 114 -12.08 -0.23 -13.44
C ARG A 114 -11.24 -1.42 -13.69
N ARG A 115 -11.69 -2.34 -14.56
CA ARG A 115 -11.03 -3.64 -14.73
C ARG A 115 -9.62 -3.50 -15.20
N GLU A 116 -9.32 -2.47 -15.99
CA GLU A 116 -8.03 -2.36 -16.65
C GLU A 116 -6.92 -2.26 -15.66
N LEU A 117 -7.23 -1.81 -14.44
CA LEU A 117 -6.24 -1.79 -13.36
C LEU A 117 -5.76 -3.20 -12.96
N LEU A 118 -6.55 -4.26 -13.24
CA LEU A 118 -6.10 -5.61 -12.92
C LEU A 118 -4.77 -6.01 -13.59
N PHE A 119 -4.46 -5.38 -14.72
CA PHE A 119 -3.18 -5.58 -15.40
C PHE A 119 -2.03 -5.14 -14.52
N ASN A 120 -2.24 -4.18 -13.61
CA ASN A 120 -1.17 -3.74 -12.70
C ASN A 120 -0.61 -4.88 -11.94
N GLU A 121 -1.46 -5.76 -11.46
CA GLU A 121 -0.98 -6.93 -10.75
C GLU A 121 0.08 -7.70 -11.59
N VAL A 122 -0.19 -7.88 -12.88
CA VAL A 122 0.69 -8.63 -13.79
C VAL A 122 1.96 -7.86 -14.21
N VAL A 123 1.85 -6.61 -14.62
CA VAL A 123 3.01 -5.76 -14.85
C VAL A 123 4.02 -5.70 -13.65
N ILE A 124 3.58 -5.44 -12.40
CA ILE A 124 4.51 -5.34 -11.30
C ILE A 124 5.26 -6.62 -11.03
N MET A 125 4.55 -7.73 -11.10
CA MET A 125 5.10 -9.09 -10.96
C MET A 125 6.19 -9.36 -11.98
N ARG A 126 5.85 -9.10 -13.24
CA ARG A 126 6.79 -9.27 -14.34
C ARG A 126 8.01 -8.36 -14.26
N ASP A 127 7.89 -7.19 -13.63
CA ASP A 127 8.94 -6.17 -13.79
C ASP A 127 9.60 -5.52 -12.57
N TYR A 128 9.01 -5.53 -11.37
CA TYR A 128 9.44 -4.56 -10.30
C TYR A 128 9.56 -5.14 -8.90
N GLN A 129 10.41 -6.15 -8.78
CA GLN A 129 10.65 -6.88 -7.53
C GLN A 129 11.76 -6.27 -6.59
N HIS A 130 11.68 -6.47 -5.25
CA HIS A 130 12.62 -5.85 -4.25
C HIS A 130 12.42 -6.45 -2.88
N GLU A 131 13.43 -6.33 -2.02
CA GLU A 131 13.42 -6.86 -0.65
C GLU A 131 12.21 -6.44 0.27
N ASN A 132 11.78 -5.20 0.11
CA ASN A 132 10.65 -4.59 0.83
C ASN A 132 9.40 -4.57 -0.03
N VAL A 133 9.33 -5.44 -1.04
CA VAL A 133 8.12 -5.56 -1.91
C VAL A 133 7.67 -7.00 -1.85
N VAL A 134 6.38 -7.21 -1.63
CA VAL A 134 5.79 -8.54 -1.58
C VAL A 134 6.05 -9.23 -2.95
N GLU A 135 6.58 -10.42 -2.88
CA GLU A 135 6.88 -11.17 -4.05
C GLU A 135 5.62 -11.85 -4.62
N MET A 136 5.39 -11.66 -5.91
CA MET A 136 4.27 -12.30 -6.61
C MET A 136 4.84 -13.48 -7.41
N TYR A 137 4.25 -14.67 -7.30
CA TYR A 137 4.79 -15.86 -7.95
C TYR A 137 4.15 -16.17 -9.29
N ASN A 138 2.82 -16.16 -9.40
CA ASN A 138 2.14 -16.62 -10.63
C ASN A 138 0.77 -16.02 -10.60
N SER A 139 0.18 -15.91 -11.79
CA SER A 139 -1.16 -15.37 -11.94
C SER A 139 -1.93 -16.33 -12.81
N TYR A 140 -3.24 -16.50 -12.52
CA TYR A 140 -4.06 -17.40 -13.29
C TYR A 140 -5.44 -16.81 -13.48
N LEU A 141 -6.13 -17.28 -14.51
CA LEU A 141 -7.56 -16.94 -14.70
C LEU A 141 -8.33 -18.16 -14.31
N VAL A 142 -9.18 -18.04 -13.29
CA VAL A 142 -9.96 -19.17 -12.76
C VAL A 142 -11.43 -18.78 -12.79
N GLY A 143 -12.20 -19.28 -13.73
CA GLY A 143 -13.58 -18.82 -13.95
C GLY A 143 -13.63 -17.34 -14.33
N ASP A 144 -14.33 -16.57 -13.53
CA ASP A 144 -14.39 -15.13 -13.73
C ASP A 144 -13.47 -14.33 -12.84
N GLU A 145 -12.47 -14.99 -12.26
CA GLU A 145 -11.57 -14.37 -11.30
C GLU A 145 -10.12 -14.46 -11.74
N LEU A 146 -9.41 -13.37 -11.58
CA LEU A 146 -7.96 -13.35 -11.61
C LEU A 146 -7.44 -13.79 -10.21
N TRP A 147 -6.59 -14.83 -10.16
CA TRP A 147 -5.93 -15.25 -8.94
C TRP A 147 -4.45 -14.96 -9.05
N VAL A 148 -3.93 -14.35 -8.01
CA VAL A 148 -2.53 -14.14 -7.89
C VAL A 148 -2.00 -14.87 -6.67
N VAL A 149 -1.02 -15.73 -6.91
CA VAL A 149 -0.36 -16.51 -5.86
C VAL A 149 0.92 -15.74 -5.51
N MET A 150 1.04 -15.41 -4.24
CA MET A 150 2.10 -14.54 -3.78
C MET A 150 2.63 -14.95 -2.42
N GLU A 151 3.73 -14.31 -2.06
CA GLU A 151 4.37 -14.48 -0.78
C GLU A 151 3.35 -14.30 0.36
N PHE A 152 3.34 -15.23 1.31
CA PHE A 152 2.49 -15.06 2.51
C PHE A 152 3.19 -14.20 3.58
N LEU A 153 2.61 -13.10 3.97
CA LEU A 153 3.20 -12.22 4.98
C LEU A 153 2.46 -12.51 6.29
N GLU A 154 2.99 -13.49 7.01
CA GLU A 154 2.25 -14.14 8.09
C GLU A 154 1.99 -13.29 9.34
N GLY A 155 2.77 -12.21 9.50
CA GLY A 155 2.50 -11.19 10.48
C GLY A 155 1.35 -10.23 10.20
N GLY A 156 0.69 -10.32 9.06
CA GLY A 156 -0.50 -9.50 8.83
C GLY A 156 -0.13 -8.07 8.46
N ALA A 157 -1.13 -7.23 8.44
CA ALA A 157 -1.00 -5.81 8.00
C ALA A 157 -0.70 -4.84 9.18
N LEU A 158 -0.01 -3.75 8.86
CA LEU A 158 0.31 -2.73 9.85
C LEU A 158 -0.96 -2.15 10.48
N THR A 159 -2.08 -2.21 9.79
CA THR A 159 -3.35 -1.72 10.32
C THR A 159 -3.74 -2.30 11.66
N ASP A 160 -3.54 -3.61 11.82
CA ASP A 160 -3.95 -4.28 13.07
C ASP A 160 -3.09 -3.72 14.24
N ILE A 161 -1.81 -3.47 13.96
CA ILE A 161 -0.95 -2.81 14.90
C ILE A 161 -1.38 -1.38 15.32
N VAL A 162 -1.59 -0.51 14.35
CA VAL A 162 -1.85 0.89 14.68
C VAL A 162 -3.22 1.09 15.34
N THR A 163 -4.13 0.16 15.10
CA THR A 163 -5.44 0.25 15.72
C THR A 163 -5.47 -0.34 17.15
N HIS A 164 -4.46 -1.09 17.56
CA HIS A 164 -4.48 -1.78 18.85
C HIS A 164 -3.30 -1.53 19.79
N THR A 165 -2.19 -0.96 19.32
CA THR A 165 -1.08 -0.61 20.23
C THR A 165 -0.51 0.73 19.83
N ARG A 166 0.47 1.14 20.61
CA ARG A 166 1.20 2.38 20.41
C ARG A 166 2.58 1.97 19.90
N MET A 167 2.98 2.53 18.79
CA MET A 167 4.28 2.30 18.26
C MET A 167 5.21 3.33 18.87
N ASN A 168 6.43 2.95 19.22
CA ASN A 168 7.44 3.96 19.56
C ASN A 168 8.16 4.44 18.31
N GLU A 169 9.03 5.44 18.47
CA GLU A 169 9.61 6.09 17.33
C GLU A 169 10.66 5.24 16.66
N GLU A 170 11.24 4.33 17.38
CA GLU A 170 12.17 3.40 16.72
C GLU A 170 11.44 2.48 15.70
N GLN A 171 10.25 2.03 16.07
CA GLN A 171 9.40 1.18 15.27
C GLN A 171 8.83 1.99 14.06
N ILE A 172 8.40 3.21 14.32
CA ILE A 172 7.88 4.08 13.31
C ILE A 172 8.94 4.32 12.28
N ALA A 173 10.13 4.69 12.71
CA ALA A 173 11.28 4.93 11.83
C ALA A 173 11.70 3.68 10.99
N ALA A 174 11.65 2.51 11.61
CA ALA A 174 11.92 1.27 10.89
C ALA A 174 10.90 1.04 9.79
N VAL A 175 9.63 1.27 10.10
CA VAL A 175 8.61 1.16 9.08
C VAL A 175 8.81 2.17 7.96
N CYS A 176 9.03 3.42 8.31
CA CYS A 176 9.23 4.45 7.29
C CYS A 176 10.45 4.14 6.43
N LEU A 177 11.52 3.65 7.05
CA LEU A 177 12.70 3.35 6.32
C LEU A 177 12.47 2.26 5.30
N ALA A 178 11.86 1.18 5.74
CA ALA A 178 11.55 0.10 4.84
C ALA A 178 10.65 0.52 3.65
N VAL A 179 9.60 1.26 3.96
CA VAL A 179 8.70 1.79 2.93
C VAL A 179 9.39 2.73 1.94
N LEU A 180 10.20 3.63 2.48
CA LEU A 180 10.91 4.54 1.63
C LEU A 180 11.95 3.88 0.74
N GLN A 181 12.60 2.82 1.22
CA GLN A 181 13.55 2.10 0.31
C GLN A 181 12.77 1.54 -0.89
N ALA A 182 11.66 0.87 -0.63
CA ALA A 182 10.82 0.36 -1.69
C ALA A 182 10.37 1.50 -2.60
N LEU A 183 9.89 2.62 -2.03
CA LEU A 183 9.48 3.73 -2.88
C LEU A 183 10.58 4.37 -3.69
N SER A 184 11.80 4.48 -3.15
CA SER A 184 12.87 5.13 -3.94
C SER A 184 13.11 4.36 -5.25
N VAL A 185 13.03 3.04 -5.18
CA VAL A 185 13.27 2.17 -6.30
C VAL A 185 12.05 2.18 -7.23
N LEU A 186 10.85 2.05 -6.68
CA LEU A 186 9.67 2.11 -7.54
C LEU A 186 9.61 3.41 -8.29
N HIS A 187 9.79 4.50 -7.57
CA HIS A 187 9.66 5.82 -8.19
C HIS A 187 10.69 6.07 -9.23
N ALA A 188 11.93 5.60 -9.02
CA ALA A 188 12.99 5.83 -9.98
C ALA A 188 12.77 5.07 -11.29
N GLN A 189 11.85 4.12 -11.29
CA GLN A 189 11.45 3.44 -12.46
C GLN A 189 10.07 3.77 -12.93
N GLY A 190 9.55 4.93 -12.60
CA GLY A 190 8.28 5.37 -13.12
C GLY A 190 7.01 4.87 -12.45
N VAL A 191 7.10 4.06 -11.37
CA VAL A 191 5.92 3.47 -10.75
C VAL A 191 5.46 4.28 -9.54
N ILE A 192 4.19 4.63 -9.52
CA ILE A 192 3.55 5.31 -8.42
C ILE A 192 2.59 4.30 -7.80
N HIS A 193 2.70 4.06 -6.50
CA HIS A 193 1.86 3.06 -5.87
C HIS A 193 0.38 3.48 -5.79
N ARG A 194 0.12 4.71 -5.29
CA ARG A 194 -1.23 5.35 -5.25
C ARG A 194 -2.20 4.87 -4.18
N ASN A 195 -1.73 3.96 -3.36
CA ASN A 195 -2.53 3.41 -2.28
C ASN A 195 -1.72 3.15 -1.04
N ILE A 196 -0.80 4.05 -0.73
CA ILE A 196 -0.03 3.94 0.48
C ILE A 196 -0.95 4.24 1.67
N LYS A 197 -0.97 3.30 2.61
CA LYS A 197 -1.62 3.40 3.90
C LYS A 197 -1.26 2.13 4.72
N SER A 198 -1.61 2.09 6.03
CA SER A 198 -1.18 0.95 6.88
C SER A 198 -1.67 -0.43 6.34
N ASP A 199 -2.84 -0.46 5.66
CA ASP A 199 -3.41 -1.70 5.08
C ASP A 199 -2.54 -2.31 3.96
N SER A 200 -1.72 -1.49 3.30
CA SER A 200 -0.82 -1.96 2.26
C SER A 200 0.57 -2.37 2.70
N ILE A 201 0.87 -2.28 3.99
CA ILE A 201 2.17 -2.61 4.55
C ILE A 201 1.99 -3.90 5.37
N LEU A 202 2.77 -4.90 5.01
CA LEU A 202 2.62 -6.23 5.54
C LEU A 202 3.91 -6.57 6.23
N LEU A 203 3.81 -7.47 7.20
CA LEU A 203 4.90 -7.90 8.02
C LEU A 203 5.13 -9.43 7.94
N THR A 204 6.39 -9.81 7.98
CA THR A 204 6.81 -11.17 8.40
C THR A 204 6.72 -11.42 9.91
N HIS A 205 6.82 -12.70 10.30
CA HIS A 205 6.80 -13.08 11.69
C HIS A 205 8.00 -12.50 12.46
N ASP A 206 9.09 -12.23 11.74
CA ASP A 206 10.28 -11.68 12.37
C ASP A 206 10.40 -10.18 12.14
N GLY A 207 9.29 -9.53 11.77
CA GLY A 207 9.17 -8.07 11.78
C GLY A 207 9.74 -7.35 10.60
N ARG A 208 10.05 -8.08 9.54
CA ARG A 208 10.33 -7.42 8.24
C ARG A 208 9.08 -6.81 7.53
N VAL A 209 9.28 -5.65 6.89
CA VAL A 209 8.20 -4.79 6.35
C VAL A 209 8.20 -4.82 4.85
N LYS A 210 7.06 -5.11 4.26
CA LYS A 210 6.99 -5.10 2.83
C LYS A 210 5.76 -4.39 2.34
N LEU A 211 5.97 -3.79 1.18
CA LEU A 211 4.99 -3.04 0.55
C LEU A 211 4.17 -3.96 -0.33
N SER A 212 2.87 -3.81 -0.21
CA SER A 212 1.94 -4.65 -0.94
C SER A 212 0.80 -3.89 -1.63
N ASP A 213 -0.09 -4.66 -2.25
CA ASP A 213 -1.29 -4.21 -2.96
C ASP A 213 -1.03 -3.18 -4.06
N PHE A 214 -0.52 -3.66 -5.17
CA PHE A 214 -0.20 -2.81 -6.31
C PHE A 214 -1.34 -2.66 -7.33
N GLY A 215 -2.55 -3.06 -6.95
CA GLY A 215 -3.69 -2.99 -7.83
C GLY A 215 -4.10 -1.63 -8.38
N PHE A 216 -3.63 -0.56 -7.74
CA PHE A 216 -3.99 0.81 -8.11
C PHE A 216 -2.83 1.58 -8.67
N CYS A 217 -1.69 0.94 -8.92
CA CYS A 217 -0.54 1.69 -9.31
C CYS A 217 -0.65 2.23 -10.77
N ALA A 218 0.26 3.12 -11.12
CA ALA A 218 0.32 3.67 -12.48
C ALA A 218 1.77 3.87 -12.80
N GLN A 219 2.04 3.98 -14.08
CA GLN A 219 3.36 4.34 -14.56
C GLN A 219 3.45 5.70 -15.15
N VAL A 220 4.58 6.37 -14.92
CA VAL A 220 4.97 7.61 -15.61
C VAL A 220 6.33 7.45 -16.31
N SER A 221 6.66 8.38 -17.19
CA SER A 221 7.88 8.25 -18.03
C SER A 221 8.02 9.55 -18.71
N LYS A 222 9.04 9.68 -19.56
CA LYS A 222 9.21 10.92 -20.31
C LYS A 222 7.99 11.31 -21.13
N GLU A 223 7.36 10.34 -21.75
CA GLU A 223 6.26 10.62 -22.64
C GLU A 223 4.99 10.78 -21.85
N VAL A 224 4.91 10.23 -20.63
CA VAL A 224 3.74 10.45 -19.81
C VAL A 224 4.19 10.83 -18.42
N PRO A 225 4.61 12.11 -18.25
CA PRO A 225 5.20 12.55 -16.99
C PRO A 225 4.21 12.58 -15.79
N ARG A 226 2.94 12.89 -15.99
CA ARG A 226 1.96 12.93 -14.91
C ARG A 226 0.77 12.01 -15.19
N ARG A 227 0.04 11.64 -14.16
CA ARG A 227 -1.16 10.85 -14.23
C ARG A 227 -2.28 11.80 -13.84
N LYS A 228 -3.52 11.49 -14.22
CA LYS A 228 -4.68 12.33 -13.86
C LYS A 228 -5.82 11.60 -13.18
N GLU A 229 -5.71 10.29 -12.98
CA GLU A 229 -6.85 9.54 -12.47
C GLU A 229 -7.10 9.79 -10.98
N LEU A 230 -8.38 9.77 -10.56
CA LEU A 230 -8.75 9.89 -9.15
C LEU A 230 -8.72 8.48 -8.56
N VAL A 231 -7.59 8.15 -7.93
CA VAL A 231 -7.32 6.80 -7.46
C VAL A 231 -6.62 6.88 -6.11
N GLY A 232 -7.11 6.09 -5.16
CA GLY A 232 -6.53 6.03 -3.80
C GLY A 232 -7.59 5.78 -2.75
N THR A 233 -7.24 5.95 -1.48
CA THR A 233 -8.23 5.88 -0.41
C THR A 233 -8.39 7.27 0.13
N PRO A 234 -9.65 7.74 0.21
CA PRO A 234 -9.93 9.16 0.46
C PRO A 234 -9.04 9.90 1.44
N TYR A 235 -8.92 9.37 2.67
CA TYR A 235 -8.25 10.09 3.74
C TYR A 235 -6.73 10.18 3.53
N TRP A 236 -6.17 9.28 2.71
CA TRP A 236 -4.73 9.24 2.42
C TRP A 236 -4.35 9.95 1.13
N MET A 237 -5.33 10.41 0.38
CA MET A 237 -5.06 11.04 -0.92
C MET A 237 -4.38 12.39 -0.81
N ALA A 238 -3.37 12.63 -1.64
CA ALA A 238 -2.69 13.92 -1.73
C ALA A 238 -3.60 15.04 -2.26
N PRO A 239 -3.44 16.27 -1.75
CA PRO A 239 -4.37 17.34 -2.13
C PRO A 239 -4.37 17.64 -3.61
N GLU A 240 -3.19 17.58 -4.26
CA GLU A 240 -3.11 17.82 -5.72
C GLU A 240 -3.86 16.75 -6.51
N LEU A 241 -3.84 15.52 -6.01
CA LEU A 241 -4.65 14.45 -6.59
C LEU A 241 -6.15 14.69 -6.41
N ILE A 242 -6.55 15.10 -5.21
CA ILE A 242 -7.96 15.48 -4.94
C ILE A 242 -8.37 16.69 -5.77
N SER A 243 -7.43 17.61 -6.00
CA SER A 243 -7.67 18.80 -6.86
C SER A 243 -7.78 18.51 -8.35
N ARG A 244 -7.50 17.26 -8.75
CA ARG A 244 -7.48 16.87 -10.14
C ARG A 244 -6.36 17.58 -10.92
N LEU A 245 -5.25 17.89 -10.27
CA LEU A 245 -4.05 18.32 -10.96
C LEU A 245 -3.25 17.13 -11.49
N PRO A 246 -2.51 17.31 -12.58
CA PRO A 246 -1.67 16.17 -12.99
C PRO A 246 -0.62 15.91 -11.90
N TYR A 247 -0.37 14.65 -11.56
CA TYR A 247 0.47 14.36 -10.39
C TYR A 247 1.44 13.29 -10.75
N GLY A 248 2.46 13.17 -9.90
CA GLY A 248 3.48 12.10 -10.01
C GLY A 248 3.70 11.30 -8.73
N PRO A 249 4.90 10.71 -8.59
CA PRO A 249 5.33 9.92 -7.41
C PRO A 249 5.19 10.62 -6.06
N GLU A 250 5.18 11.95 -6.10
CA GLU A 250 5.02 12.76 -4.89
C GLU A 250 3.78 12.41 -4.10
N VAL A 251 2.73 11.94 -4.76
CA VAL A 251 1.50 11.61 -4.04
C VAL A 251 1.73 10.50 -3.04
N ASP A 252 2.66 9.60 -3.33
CA ASP A 252 2.95 8.48 -2.42
C ASP A 252 3.59 9.04 -1.17
N ILE A 253 4.33 10.13 -1.33
CA ILE A 253 5.00 10.74 -0.21
C ILE A 253 4.02 11.40 0.77
N TRP A 254 3.06 12.16 0.25
CA TRP A 254 1.95 12.67 1.08
C TRP A 254 1.27 11.46 1.78
N SER A 255 0.93 10.43 1.02
CA SER A 255 0.17 9.31 1.59
C SER A 255 0.97 8.69 2.75
N LEU A 256 2.29 8.60 2.61
CA LEU A 256 3.15 8.12 3.72
C LEU A 256 3.08 8.99 4.98
N GLY A 257 3.04 10.29 4.79
CA GLY A 257 2.82 11.21 5.89
C GLY A 257 1.55 10.92 6.65
N ILE A 258 0.50 10.62 5.89
CA ILE A 258 -0.76 10.30 6.52
C ILE A 258 -0.64 9.00 7.28
N MET A 259 0.14 8.06 6.75
CA MET A 259 0.40 6.82 7.46
C MET A 259 1.20 7.09 8.74
N VAL A 260 2.10 8.06 8.70
CA VAL A 260 2.84 8.40 9.92
C VAL A 260 1.81 8.91 10.91
N ILE A 261 0.87 9.76 10.47
CA ILE A 261 -0.23 10.17 11.35
C ILE A 261 -0.97 8.95 11.88
N GLU A 262 -1.30 7.97 11.05
CA GLU A 262 -1.87 6.71 11.53
C GLU A 262 -1.01 6.06 12.61
N MET A 263 0.31 6.01 12.40
CA MET A 263 1.14 5.34 13.40
C MET A 263 1.21 6.11 14.71
N VAL A 264 1.08 7.44 14.68
CA VAL A 264 1.14 8.18 15.92
C VAL A 264 -0.25 8.27 16.58
N ASP A 265 -1.31 8.52 15.82
CA ASP A 265 -2.65 8.74 16.37
C ASP A 265 -3.60 7.51 16.36
N GLY A 266 -3.30 6.46 15.62
CA GLY A 266 -4.23 5.34 15.45
C GLY A 266 -5.12 5.43 14.21
N GLU A 267 -5.28 6.62 13.65
CA GLU A 267 -6.13 6.84 12.51
C GLU A 267 -5.65 8.05 11.69
N PRO A 268 -6.04 8.13 10.39
CA PRO A 268 -5.69 9.31 9.60
C PRO A 268 -6.53 10.47 10.06
N PRO A 269 -6.21 11.72 9.66
CA PRO A 269 -7.08 12.85 9.98
C PRO A 269 -8.42 12.75 9.29
N TYR A 270 -9.41 13.41 9.91
CA TYR A 270 -10.78 13.53 9.44
C TYR A 270 -11.46 12.19 9.28
N PHE A 271 -10.99 11.18 10.02
CA PHE A 271 -11.50 9.84 9.82
C PHE A 271 -12.95 9.65 10.24
N ASN A 272 -13.45 10.58 11.05
CA ASN A 272 -14.87 10.63 11.39
C ASN A 272 -15.75 11.35 10.40
N GLU A 273 -15.15 12.06 9.46
CA GLU A 273 -15.89 12.75 8.44
C GLU A 273 -16.16 11.75 7.35
N PRO A 274 -17.36 11.79 6.74
CA PRO A 274 -17.52 11.00 5.51
C PRO A 274 -16.39 11.26 4.47
N PRO A 275 -16.04 10.22 3.68
CA PRO A 275 -14.86 10.32 2.79
C PRO A 275 -14.81 11.63 1.95
N LEU A 276 -15.97 12.03 1.40
CA LEU A 276 -16.06 13.25 0.55
C LEU A 276 -15.84 14.56 1.30
N LYS A 277 -16.41 14.67 2.49
CA LYS A 277 -16.10 15.79 3.36
C LYS A 277 -14.60 15.75 3.73
N ALA A 278 -14.07 14.58 4.06
CA ALA A 278 -12.62 14.47 4.40
C ALA A 278 -11.76 14.98 3.23
N MET A 279 -12.09 14.51 2.03
CA MET A 279 -11.42 14.98 0.83
C MET A 279 -11.45 16.48 0.67
N LYS A 280 -12.60 17.07 0.90
CA LYS A 280 -12.71 18.49 0.72
C LYS A 280 -11.76 19.20 1.70
N MET A 281 -11.73 18.70 2.93
CA MET A 281 -10.93 19.37 3.93
C MET A 281 -9.46 19.23 3.61
N ILE A 282 -9.06 18.06 3.09
CA ILE A 282 -7.66 17.84 2.71
C ILE A 282 -7.29 18.80 1.63
N ARG A 283 -8.15 18.91 0.63
CA ARG A 283 -7.91 19.84 -0.47
C ARG A 283 -7.79 21.27 -0.01
N ASP A 284 -8.72 21.74 0.80
CA ASP A 284 -8.82 23.18 1.07
C ASP A 284 -7.98 23.67 2.23
N ASN A 285 -7.81 22.86 3.27
CA ASN A 285 -7.17 23.35 4.50
C ASN A 285 -5.65 23.19 4.46
N LEU A 286 -5.02 23.83 5.43
CA LEU A 286 -3.61 23.61 5.73
C LEU A 286 -3.37 22.11 6.01
N PRO A 287 -2.11 21.65 5.89
CA PRO A 287 -1.77 20.25 6.15
C PRO A 287 -2.34 19.77 7.48
N PRO A 288 -2.88 18.54 7.49
CA PRO A 288 -3.51 18.10 8.74
C PRO A 288 -2.49 17.94 9.88
N ARG A 289 -2.98 18.07 11.09
CA ARG A 289 -2.11 18.05 12.25
C ARG A 289 -2.31 16.77 13.01
N LEU A 290 -1.25 16.34 13.69
CA LEU A 290 -1.32 15.22 14.60
C LEU A 290 -2.19 15.62 15.76
N LYS A 291 -3.09 14.75 16.22
CA LYS A 291 -3.81 14.99 17.47
C LYS A 291 -2.91 15.09 18.65
N ASN A 292 -1.85 14.28 18.67
CA ASN A 292 -0.94 14.37 19.77
C ASN A 292 0.47 14.62 19.36
N LEU A 293 0.58 15.82 18.80
CA LEU A 293 1.81 16.48 18.50
C LEU A 293 2.70 16.53 19.72
N HIS A 294 2.08 16.64 20.88
CA HIS A 294 2.84 16.64 22.14
C HIS A 294 3.56 15.34 22.44
N LYS A 295 3.21 14.25 21.76
CA LYS A 295 3.88 12.98 21.94
C LYS A 295 5.09 12.77 21.09
N VAL A 296 5.26 13.51 20.01
CA VAL A 296 6.31 13.18 19.07
C VAL A 296 7.55 14.05 19.27
N SER A 297 8.70 13.50 18.93
CA SER A 297 9.95 14.19 19.09
C SER A 297 10.08 15.26 18.01
N PRO A 298 10.92 16.27 18.25
CA PRO A 298 11.14 17.26 17.18
C PRO A 298 11.63 16.66 15.89
N SER A 299 12.46 15.63 15.98
CA SER A 299 12.93 14.89 14.81
C SER A 299 11.78 14.24 14.04
N LEU A 300 10.81 13.62 14.72
CA LEU A 300 9.69 13.03 13.98
C LEU A 300 8.88 14.12 13.32
N LYS A 301 8.65 15.20 14.04
CA LYS A 301 7.89 16.32 13.47
C LYS A 301 8.58 16.98 12.27
N GLY A 302 9.90 17.16 12.30
CA GLY A 302 10.63 17.71 11.13
C GLY A 302 10.50 16.80 9.92
N PHE A 303 10.57 15.49 10.14
CA PHE A 303 10.41 14.47 9.11
C PHE A 303 9.01 14.59 8.50
N LEU A 304 8.01 14.64 9.35
CA LEU A 304 6.63 14.70 8.90
C LEU A 304 6.36 15.96 8.12
N ASP A 305 7.00 17.05 8.53
CA ASP A 305 6.89 18.33 7.76
C ASP A 305 7.49 18.29 6.35
N ARG A 306 8.42 17.38 6.05
CA ARG A 306 8.86 17.18 4.66
C ARG A 306 7.88 16.32 3.77
N LEU A 307 6.94 15.65 4.42
CA LEU A 307 5.98 14.75 3.80
C LEU A 307 4.69 15.51 3.53
N LEU A 308 4.14 16.13 4.55
CA LEU A 308 2.84 16.76 4.43
C LEU A 308 2.97 18.21 3.89
N VAL A 309 3.53 18.34 2.69
CA VAL A 309 3.73 19.63 2.04
C VAL A 309 2.73 19.68 0.89
N ARG A 310 1.90 20.72 0.89
CA ARG A 310 0.82 20.83 -0.07
C ARG A 310 1.33 20.95 -1.49
N ASP A 311 2.31 21.79 -1.69
CA ASP A 311 2.93 21.97 -2.99
C ASP A 311 3.80 20.74 -3.29
N PRO A 312 3.39 19.90 -4.25
CA PRO A 312 4.20 18.71 -4.51
C PRO A 312 5.66 18.98 -4.90
N ALA A 313 5.92 20.11 -5.59
CA ALA A 313 7.28 20.48 -5.99
C ALA A 313 8.21 20.72 -4.77
N GLN A 314 7.64 21.03 -3.61
CA GLN A 314 8.40 21.29 -2.38
C GLN A 314 8.47 20.12 -1.40
N ARG A 315 7.69 19.09 -1.68
CA ARG A 315 7.57 17.92 -0.85
C ARG A 315 8.86 17.15 -1.06
N ALA A 316 9.38 16.52 -0.03
CA ALA A 316 10.59 15.71 -0.20
C ALA A 316 10.33 14.51 -1.13
N THR A 317 11.39 14.04 -1.77
CA THR A 317 11.32 12.81 -2.58
C THR A 317 11.69 11.59 -1.71
N ALA A 318 11.42 10.39 -2.17
CA ALA A 318 11.81 9.21 -1.35
C ALA A 318 13.33 9.19 -1.11
N ALA A 319 14.10 9.58 -2.11
CA ALA A 319 15.60 9.47 -2.09
C ALA A 319 16.21 10.47 -1.15
N GLU A 320 15.60 11.66 -1.09
CA GLU A 320 15.92 12.67 -0.09
C GLU A 320 15.60 12.17 1.31
N LEU A 321 14.39 11.67 1.48
CA LEU A 321 13.95 11.26 2.80
C LEU A 321 14.83 10.16 3.42
N LEU A 322 15.39 9.28 2.58
CA LEU A 322 16.26 8.24 3.07
C LEU A 322 17.49 8.75 3.81
N LYS A 323 17.82 10.04 3.66
CA LYS A 323 18.91 10.67 4.38
C LYS A 323 18.50 11.49 5.57
N HIS A 324 17.22 11.48 5.90
CA HIS A 324 16.75 12.31 6.99
C HIS A 324 17.19 11.75 8.36
N PRO A 325 17.68 12.60 9.28
CA PRO A 325 18.13 12.06 10.57
C PRO A 325 17.07 11.30 11.38
N PHE A 326 15.79 11.64 11.31
CA PHE A 326 14.75 10.75 11.88
C PHE A 326 14.98 9.26 11.64
N LEU A 327 15.41 8.88 10.44
CA LEU A 327 15.52 7.48 10.11
C LEU A 327 16.71 6.84 10.77
N ALA A 328 17.63 7.62 11.34
CA ALA A 328 18.69 7.05 12.19
C ALA A 328 18.16 6.33 13.43
N LYS A 329 16.95 6.69 13.87
CA LYS A 329 16.31 5.97 14.96
C LYS A 329 15.77 4.61 14.58
N ALA A 330 15.75 4.26 13.29
CA ALA A 330 15.09 3.03 12.85
C ALA A 330 15.69 1.87 13.59
N GLY A 331 14.85 1.07 14.23
CA GLY A 331 15.37 -0.17 14.81
C GLY A 331 15.34 -1.30 13.80
N PRO A 332 15.91 -2.46 14.14
CA PRO A 332 15.87 -3.61 13.26
C PRO A 332 14.50 -4.23 13.22
N PRO A 333 14.29 -5.21 12.33
CA PRO A 333 12.98 -5.87 12.25
C PRO A 333 12.51 -6.49 13.58
N ALA A 334 13.44 -7.04 14.35
CA ALA A 334 13.10 -7.59 15.64
C ALA A 334 12.32 -6.61 16.53
N SER A 335 12.59 -5.31 16.41
CA SER A 335 11.88 -4.30 17.21
C SER A 335 10.40 -4.23 16.90
N ILE A 336 9.98 -4.68 15.72
CA ILE A 336 8.55 -4.67 15.29
C ILE A 336 7.76 -5.89 15.83
N VAL A 337 8.49 -7.01 16.05
CA VAL A 337 7.96 -8.31 16.49
C VAL A 337 6.96 -8.22 17.62
N PRO A 338 7.27 -7.47 18.69
CA PRO A 338 6.27 -7.47 19.81
C PRO A 338 4.95 -6.76 19.52
N LEU A 339 4.88 -5.96 18.47
CA LEU A 339 3.63 -5.29 18.14
C LEU A 339 2.55 -6.25 17.59
N MET A 340 2.98 -7.36 16.99
CA MET A 340 2.06 -8.27 16.28
C MET A 340 1.09 -8.98 17.21
N ARG A 341 -0.11 -9.23 16.71
CA ARG A 341 -1.20 -9.82 17.50
C ARG A 341 -0.76 -11.07 18.29
N GLN A 342 -0.09 -11.98 17.60
CA GLN A 342 0.39 -13.21 18.25
C GLN A 342 1.38 -13.02 19.39
N ASN A 343 1.92 -11.82 19.59
CA ASN A 343 2.87 -11.56 20.69
C ASN A 343 2.42 -10.53 21.70
N ARG A 344 1.36 -9.79 21.46
CA ARG A 344 1.00 -8.69 22.36
C ARG A 344 0.57 -9.13 23.77
N SER B 3 -18.57 7.45 6.97
CA SER B 3 -17.24 7.80 7.56
C SER B 3 -16.48 6.59 8.10
N ARG B 4 -15.18 6.78 8.30
CA ARG B 4 -14.24 5.74 8.73
C ARG B 4 -14.09 4.63 7.65
N ALA B 5 -14.14 5.02 6.37
CA ALA B 5 -14.10 4.05 5.26
C ALA B 5 -12.65 3.78 4.89
N ARG B 6 -12.24 2.51 4.94
CA ARG B 6 -10.90 2.12 4.45
C ARG B 6 -10.94 1.72 2.94
N TYR B 7 -12.10 1.80 2.29
CA TYR B 7 -12.25 1.46 0.86
C TYR B 7 -11.68 2.48 -0.15
N GLU B 8 -11.12 1.94 -1.23
CA GLU B 8 -10.47 2.72 -2.27
C GLU B 8 -11.49 3.26 -3.27
N MET B 9 -11.04 4.24 -4.04
CA MET B 9 -11.82 4.94 -5.04
C MET B 9 -10.99 4.85 -6.33
N ALA B 10 -11.60 4.44 -7.43
CA ALA B 10 -10.96 4.50 -8.76
C ALA B 10 -11.82 5.35 -9.72
N SER B 11 -11.16 6.12 -10.59
CA SER B 11 -11.76 7.20 -11.42
C SER B 11 -13.01 7.89 -10.86
#